data_9G1C
#
_entry.id   9G1C
#
_cell.length_a   71.840
_cell.length_b   91.690
_cell.length_c   45.260
_cell.angle_alpha   90.000
_cell.angle_beta   90.000
_cell.angle_gamma   90.000
#
_symmetry.space_group_name_H-M   'P 21 21 2'
#
loop_
_entity.id
_entity.type
_entity.pdbx_description
1 polymer 'Fosfomycin resistance protein'
2 non-polymer 3-(propan-2-yl)-1,2,4-oxadiazol-5(4H)-one
3 non-polymer 'MANGANESE (II) ION'
4 water water
#
_entity_poly.entity_id   1
_entity_poly.type   'polypeptide(L)'
_entity_poly.pdbx_seq_one_letter_code
;MLSGLNHLTLAVSQLAPSVAFYQQLLGMTLHARWDSGAYLSCGDLWLCLSLDPQRRVTPPEESDYTHYAFSISEADFASF
AARLEAAGVAVWKLNRSEGASHYFLDPDGHKLELHVGSLAQRLAACREQPYKGMVFFEQHHHHHH
;
_entity_poly.pdbx_strand_id   A,B
#
loop_
_chem_comp.id
_chem_comp.type
_chem_comp.name
_chem_comp.formula
MN non-polymer 'MANGANESE (II) ION' 'Mn 2'
TJ1 non-polymer 3-(propan-2-yl)-1,2,4-oxadiazol-5(4H)-one 'C5 H8 N2 O2'
#
# COMPACT_ATOMS: atom_id res chain seq x y z
N MET A 1 3.74 16.42 -10.36
CA MET A 1 3.23 15.16 -10.99
C MET A 1 3.70 13.91 -10.24
N LEU A 2 2.76 13.11 -9.75
CA LEU A 2 3.12 11.86 -9.08
C LEU A 2 3.48 10.80 -10.10
N SER A 3 4.48 9.98 -9.78
CA SER A 3 5.04 9.03 -10.74
C SER A 3 4.88 7.57 -10.33
N GLY A 4 4.26 7.29 -9.21
CA GLY A 4 4.05 5.94 -8.77
C GLY A 4 4.20 5.83 -7.27
N LEU A 5 4.31 4.59 -6.79
CA LEU A 5 4.47 4.32 -5.36
C LEU A 5 5.94 4.41 -5.01
N ASN A 6 6.25 5.23 -4.01
CA ASN A 6 7.61 5.37 -3.53
C ASN A 6 7.95 4.28 -2.53
N HIS A 7 7.08 4.07 -1.54
CA HIS A 7 7.25 3.01 -0.56
C HIS A 7 5.91 2.71 0.12
N LEU A 8 5.85 1.51 0.68
CA LEU A 8 4.74 1.02 1.49
C LEU A 8 5.26 0.76 2.88
N THR A 9 4.66 1.38 3.88
CA THR A 9 5.05 1.19 5.27
C THR A 9 3.91 0.50 6.01
N LEU A 10 4.23 -0.63 6.63
CA LEU A 10 3.30 -1.39 7.45
C LEU A 10 3.69 -1.26 8.91
N ALA A 11 2.74 -0.88 9.75
CA ALA A 11 2.94 -0.94 11.20
C ALA A 11 2.85 -2.38 11.68
N VAL A 12 3.79 -2.79 12.53
CA VAL A 12 3.83 -4.15 13.06
C VAL A 12 4.01 -4.10 14.57
N SER A 13 3.46 -5.12 15.23
CA SER A 13 3.49 -5.18 16.70
C SER A 13 4.77 -5.81 17.24
N GLN A 14 5.40 -6.69 16.46
CA GLN A 14 6.62 -7.37 16.85
C GLN A 14 7.50 -7.48 15.62
N LEU A 15 8.68 -6.91 15.69
CA LEU A 15 9.49 -6.78 14.47
C LEU A 15 9.97 -8.14 13.98
N ALA A 16 10.56 -8.97 14.86
CA ALA A 16 11.21 -10.19 14.39
C ALA A 16 10.26 -11.13 13.67
N PRO A 17 9.07 -11.45 14.19
N PRO A 17 9.07 -11.42 14.19
CA PRO A 17 8.18 -12.33 13.42
CA PRO A 17 8.16 -12.32 13.46
C PRO A 17 7.81 -11.77 12.07
C PRO A 17 7.68 -11.72 12.15
N SER A 18 7.62 -10.45 12.01
N SER A 18 7.64 -10.40 12.04
CA SER A 18 7.23 -9.82 10.75
CA SER A 18 7.24 -9.77 10.79
C SER A 18 8.36 -9.87 9.74
C SER A 18 8.35 -9.86 9.75
N VAL A 19 9.59 -9.57 10.15
CA VAL A 19 10.71 -9.72 9.23
C VAL A 19 10.79 -11.15 8.73
N ALA A 20 10.60 -12.11 9.63
CA ALA A 20 10.70 -13.51 9.23
C ALA A 20 9.61 -13.85 8.21
N PHE A 21 8.41 -13.31 8.39
CA PHE A 21 7.33 -13.57 7.44
C PHE A 21 7.66 -13.04 6.06
N TYR A 22 8.07 -11.78 5.98
CA TYR A 22 8.28 -11.17 4.67
C TYR A 22 9.54 -11.70 4.02
N GLN A 23 10.58 -11.97 4.81
CA GLN A 23 11.85 -12.43 4.24
C GLN A 23 11.85 -13.96 4.05
N GLN A 24 11.60 -14.70 5.12
CA GLN A 24 11.77 -16.15 5.04
C GLN A 24 10.65 -16.83 4.29
N LEU A 25 9.40 -16.41 4.53
CA LEU A 25 8.26 -17.06 3.90
C LEU A 25 7.97 -16.47 2.53
N LEU A 26 7.87 -15.14 2.42
CA LEU A 26 7.54 -14.54 1.13
C LEU A 26 8.75 -14.30 0.23
N GLY A 27 9.97 -14.42 0.75
CA GLY A 27 11.15 -14.35 -0.10
C GLY A 27 11.59 -12.96 -0.51
N MET A 28 11.13 -11.93 0.19
CA MET A 28 11.56 -10.56 -0.07
C MET A 28 13.00 -10.38 0.40
N THR A 29 13.67 -9.38 -0.15
CA THR A 29 15.08 -9.12 0.16
C THR A 29 15.18 -8.19 1.36
N LEU A 30 15.90 -8.61 2.39
CA LEU A 30 16.13 -7.78 3.57
C LEU A 30 17.40 -6.95 3.38
N HIS A 31 17.25 -5.62 3.42
CA HIS A 31 18.39 -4.73 3.26
C HIS A 31 18.98 -4.25 4.58
N ALA A 32 18.13 -4.00 5.57
CA ALA A 32 18.58 -3.45 6.84
C ALA A 32 17.50 -3.65 7.89
N ARG A 33 17.92 -3.82 9.13
CA ARG A 33 17.01 -3.88 10.26
C ARG A 33 17.64 -3.10 11.41
N TRP A 34 16.79 -2.48 12.21
CA TRP A 34 17.23 -1.74 13.38
C TRP A 34 16.23 -2.02 14.49
N ASP A 35 16.42 -1.36 15.63
CA ASP A 35 15.63 -1.75 16.79
C ASP A 35 14.14 -1.54 16.58
N SER A 36 13.75 -0.62 15.69
N SER A 36 13.74 -0.65 15.68
CA SER A 36 12.35 -0.26 15.51
CA SER A 36 12.32 -0.34 15.51
C SER A 36 11.83 -0.42 14.08
C SER A 36 11.85 -0.39 14.07
N GLY A 37 12.56 -1.07 13.19
CA GLY A 37 12.08 -1.18 11.82
C GLY A 37 12.97 -2.04 10.96
N ALA A 38 12.54 -2.21 9.72
CA ALA A 38 13.31 -2.91 8.71
C ALA A 38 12.93 -2.40 7.33
N TYR A 39 13.89 -2.49 6.41
N TYR A 39 13.90 -2.47 6.41
CA TYR A 39 13.70 -2.14 5.01
CA TYR A 39 13.70 -2.15 5.01
C TYR A 39 13.90 -3.39 4.16
C TYR A 39 13.89 -3.41 4.19
N LEU A 40 12.91 -3.71 3.34
CA LEU A 40 12.95 -4.85 2.44
C LEU A 40 12.56 -4.38 1.05
N SER A 41 12.86 -5.19 0.06
CA SER A 41 12.42 -4.90 -1.30
C SER A 41 11.85 -6.17 -1.93
N CYS A 42 10.94 -5.93 -2.89
CA CYS A 42 10.28 -6.97 -3.65
C CYS A 42 10.20 -6.40 -5.06
N GLY A 43 11.14 -6.78 -5.91
CA GLY A 43 11.21 -6.10 -7.20
C GLY A 43 11.46 -4.63 -6.96
N ASP A 44 10.63 -3.78 -7.59
CA ASP A 44 10.72 -2.32 -7.45
C ASP A 44 10.12 -1.81 -6.15
N LEU A 45 9.42 -2.65 -5.40
CA LEU A 45 8.72 -2.19 -4.21
C LEU A 45 9.68 -2.05 -3.05
N TRP A 46 9.66 -0.87 -2.42
CA TRP A 46 10.35 -0.59 -1.16
C TRP A 46 9.32 -0.76 -0.06
N LEU A 47 9.54 -1.76 0.79
CA LEU A 47 8.66 -2.07 1.92
C LEU A 47 9.38 -1.69 3.21
N CYS A 48 8.73 -0.89 4.03
N CYS A 48 8.70 -0.91 4.04
CA CYS A 48 9.22 -0.57 5.36
CA CYS A 48 9.20 -0.56 5.36
C CYS A 48 8.30 -1.22 6.39
C CYS A 48 8.30 -1.20 6.41
N LEU A 49 8.88 -1.94 7.34
CA LEU A 49 8.17 -2.44 8.52
C LEU A 49 8.55 -1.52 9.67
N SER A 50 7.55 -1.00 10.37
CA SER A 50 7.78 -0.03 11.44
C SER A 50 7.10 -0.53 12.72
N LEU A 51 7.90 -0.69 13.77
CA LEU A 51 7.39 -1.15 15.05
C LEU A 51 6.45 -0.10 15.62
N ASP A 52 5.22 -0.49 15.90
CA ASP A 52 4.24 0.48 16.35
C ASP A 52 3.41 -0.17 17.44
N PRO A 53 3.55 0.25 18.71
CA PRO A 53 2.72 -0.34 19.76
C PRO A 53 1.23 -0.07 19.58
N GLN A 54 0.83 0.85 18.70
N GLN A 54 0.85 0.83 18.69
CA GLN A 54 -0.59 1.05 18.44
CA GLN A 54 -0.57 1.08 18.43
C GLN A 54 -1.19 -0.05 17.57
C GLN A 54 -1.16 0.10 17.41
N ARG A 55 -0.37 -0.84 16.89
CA ARG A 55 -0.91 -1.82 15.96
C ARG A 55 -1.72 -2.85 16.73
N ARG A 56 -2.98 -3.01 16.35
CA ARG A 56 -3.85 -4.04 16.88
C ARG A 56 -4.06 -5.12 15.84
N VAL A 57 -4.26 -6.35 16.30
CA VAL A 57 -4.60 -7.47 15.42
C VAL A 57 -6.10 -7.64 15.52
N THR A 58 -6.80 -7.34 14.42
CA THR A 58 -8.25 -7.36 14.29
C THR A 58 -8.63 -8.54 13.41
N PRO A 59 -9.71 -9.25 13.72
CA PRO A 59 -10.14 -10.33 12.84
C PRO A 59 -10.44 -9.78 11.46
N PRO A 60 -10.15 -10.53 10.40
CA PRO A 60 -10.41 -9.99 9.06
C PRO A 60 -11.87 -9.62 8.85
N GLU A 61 -12.78 -10.21 9.62
CA GLU A 61 -14.20 -9.93 9.42
C GLU A 61 -14.58 -8.56 9.94
N GLU A 62 -13.77 -7.96 10.79
N GLU A 62 -13.75 -7.95 10.78
CA GLU A 62 -14.06 -6.64 11.32
CA GLU A 62 -14.04 -6.65 11.37
C GLU A 62 -13.25 -5.54 10.64
C GLU A 62 -13.05 -5.57 10.94
N SER A 63 -12.16 -5.86 9.98
CA SER A 63 -11.34 -4.85 9.34
C SER A 63 -11.87 -4.65 7.92
N ASP A 64 -11.51 -3.52 7.33
CA ASP A 64 -12.05 -3.16 6.02
C ASP A 64 -11.26 -3.86 4.93
N TYR A 65 -11.67 -3.60 3.69
CA TYR A 65 -11.14 -4.30 2.53
C TYR A 65 -9.79 -3.77 2.06
N THR A 66 -9.18 -2.81 2.74
CA THR A 66 -7.87 -2.32 2.32
C THR A 66 -6.89 -3.49 2.28
N HIS A 67 -6.16 -3.62 1.16
CA HIS A 67 -5.28 -4.77 1.03
C HIS A 67 -4.19 -4.50 -0.01
N TYR A 68 -3.15 -5.33 0.04
CA TYR A 68 -1.93 -5.14 -0.74
C TYR A 68 -1.69 -6.44 -1.50
N ALA A 69 -1.62 -6.35 -2.81
CA ALA A 69 -1.44 -7.50 -3.67
C ALA A 69 -0.06 -7.49 -4.30
N PHE A 70 0.57 -8.66 -4.33
CA PHE A 70 1.89 -8.86 -4.92
C PHE A 70 1.77 -9.66 -6.20
N SER A 71 2.61 -9.33 -7.19
CA SER A 71 2.60 -10.02 -8.46
C SER A 71 3.35 -11.33 -8.37
N ILE A 72 2.80 -12.34 -9.04
CA ILE A 72 3.42 -13.64 -9.19
C ILE A 72 3.05 -14.16 -10.57
N SER A 73 3.92 -15.00 -11.12
CA SER A 73 3.70 -15.52 -12.45
C SER A 73 2.68 -16.66 -12.44
N GLU A 74 2.07 -16.89 -13.59
CA GLU A 74 1.12 -17.97 -13.75
C GLU A 74 1.74 -19.31 -13.35
N ALA A 75 3.02 -19.50 -13.66
CA ALA A 75 3.66 -20.79 -13.42
C ALA A 75 3.93 -21.02 -11.94
N ASP A 76 4.06 -19.95 -11.16
CA ASP A 76 4.45 -20.07 -9.76
C ASP A 76 3.26 -19.96 -8.81
N PHE A 77 2.11 -19.51 -9.30
CA PHE A 77 0.99 -19.14 -8.44
C PHE A 77 0.55 -20.31 -7.54
N ALA A 78 0.21 -21.44 -8.15
CA ALA A 78 -0.41 -22.50 -7.37
C ALA A 78 0.55 -23.08 -6.34
N SER A 79 1.82 -23.23 -6.69
N SER A 79 1.82 -23.25 -6.72
CA SER A 79 2.77 -23.83 -5.75
CA SER A 79 2.80 -23.81 -5.79
C SER A 79 3.11 -22.86 -4.62
C SER A 79 3.07 -22.86 -4.63
N PHE A 80 3.11 -21.56 -4.90
CA PHE A 80 3.36 -20.59 -3.84
C PHE A 80 2.17 -20.55 -2.88
N ALA A 81 0.95 -20.51 -3.42
CA ALA A 81 -0.23 -20.55 -2.56
C ALA A 81 -0.25 -21.82 -1.72
N ALA A 82 0.14 -22.96 -2.30
CA ALA A 82 0.14 -24.21 -1.56
C ALA A 82 1.14 -24.16 -0.41
N ARG A 83 2.29 -23.51 -0.64
CA ARG A 83 3.31 -23.38 0.41
C ARG A 83 2.81 -22.52 1.56
N LEU A 84 2.08 -21.45 1.27
CA LEU A 84 1.51 -20.63 2.33
C LEU A 84 0.50 -21.42 3.15
N GLU A 85 -0.36 -22.20 2.47
CA GLU A 85 -1.32 -23.00 3.21
C GLU A 85 -0.62 -24.02 4.09
N ALA A 86 0.44 -24.66 3.58
CA ALA A 86 1.15 -25.64 4.39
C ALA A 86 1.87 -25.01 5.57
N ALA A 87 2.22 -23.72 5.46
CA ALA A 87 2.83 -23.01 6.58
C ALA A 87 1.81 -22.53 7.61
N GLY A 88 0.53 -22.76 7.37
CA GLY A 88 -0.51 -22.36 8.33
C GLY A 88 -0.91 -20.91 8.27
N VAL A 89 -0.61 -20.22 7.17
CA VAL A 89 -0.97 -18.82 7.01
C VAL A 89 -2.49 -18.70 6.88
N ALA A 90 -3.07 -17.76 7.63
CA ALA A 90 -4.52 -17.59 7.66
C ALA A 90 -5.00 -16.91 6.38
N VAL A 91 -6.23 -17.21 6.01
N VAL A 91 -6.25 -17.17 6.02
CA VAL A 91 -6.82 -16.63 4.85
CA VAL A 91 -6.85 -16.70 4.77
C VAL A 91 -7.84 -15.57 5.25
C VAL A 91 -8.09 -15.87 5.07
N TRP A 92 -8.30 -14.82 4.28
CA TRP A 92 -9.42 -13.90 4.43
C TRP A 92 -10.22 -13.92 3.14
N LYS A 93 -11.39 -13.28 3.13
CA LYS A 93 -12.29 -13.31 1.98
C LYS A 93 -12.72 -11.92 1.54
N LEU A 94 -12.63 -11.65 0.23
CA LEU A 94 -13.08 -10.40 -0.37
C LEU A 94 -14.51 -10.56 -0.88
N ASN A 95 -15.19 -9.43 -1.08
CA ASN A 95 -16.59 -9.48 -1.48
C ASN A 95 -16.81 -9.85 -2.94
N ARG A 96 -15.79 -9.76 -3.79
CA ARG A 96 -15.96 -9.92 -5.22
C ARG A 96 -14.74 -10.65 -5.79
N SER A 97 -14.93 -11.22 -6.97
CA SER A 97 -13.85 -11.88 -7.70
C SER A 97 -13.09 -10.85 -8.52
N GLU A 98 -11.77 -10.91 -8.46
CA GLU A 98 -10.93 -10.08 -9.30
C GLU A 98 -9.87 -10.91 -10.02
N GLY A 99 -10.21 -12.16 -10.36
CA GLY A 99 -9.33 -12.97 -11.18
C GLY A 99 -8.56 -14.00 -10.37
N ALA A 100 -7.37 -14.36 -10.82
CA ALA A 100 -6.58 -15.41 -10.19
C ALA A 100 -5.84 -14.81 -9.00
N SER A 101 -6.39 -15.01 -7.79
CA SER A 101 -5.87 -14.41 -6.58
C SER A 101 -5.91 -15.41 -5.42
N HIS A 102 -4.96 -15.25 -4.50
CA HIS A 102 -4.96 -15.97 -3.22
C HIS A 102 -4.84 -14.94 -2.11
N TYR A 103 -5.75 -15.00 -1.14
CA TYR A 103 -5.90 -13.98 -0.11
C TYR A 103 -5.38 -14.53 1.23
N PHE A 104 -4.44 -13.82 1.84
CA PHE A 104 -3.85 -14.31 3.07
C PHE A 104 -3.49 -13.14 3.98
N LEU A 105 -3.30 -13.47 5.26
CA LEU A 105 -3.03 -12.46 6.28
C LEU A 105 -1.57 -12.53 6.75
N ASP A 106 -1.04 -11.37 7.11
CA ASP A 106 0.28 -11.33 7.73
C ASP A 106 0.10 -11.44 9.24
N PRO A 107 1.18 -11.52 10.01
CA PRO A 107 1.05 -11.81 11.44
C PRO A 107 0.31 -10.74 12.22
N ASP A 108 0.19 -9.53 11.67
CA ASP A 108 -0.51 -8.44 12.32
C ASP A 108 -1.88 -8.18 11.73
N GLY A 109 -2.34 -9.07 10.85
CA GLY A 109 -3.66 -8.88 10.27
C GLY A 109 -3.72 -7.97 9.08
N HIS A 110 -2.59 -7.57 8.52
CA HIS A 110 -2.63 -6.88 7.25
C HIS A 110 -3.12 -7.85 6.18
N LYS A 111 -3.97 -7.36 5.30
CA LYS A 111 -4.59 -8.19 4.26
C LYS A 111 -3.72 -8.16 3.02
N LEU A 112 -3.20 -9.33 2.65
CA LEU A 112 -2.33 -9.51 1.51
C LEU A 112 -2.99 -10.37 0.45
N GLU A 113 -2.40 -10.36 -0.74
CA GLU A 113 -2.93 -11.08 -1.89
C GLU A 113 -1.79 -11.43 -2.82
N LEU A 114 -1.85 -12.64 -3.39
CA LEU A 114 -1.07 -13.00 -4.57
C LEU A 114 -2.01 -12.85 -5.77
N HIS A 115 -1.56 -12.14 -6.80
CA HIS A 115 -2.40 -11.95 -7.97
C HIS A 115 -1.60 -12.18 -9.25
N VAL A 116 -2.21 -12.87 -10.20
CA VAL A 116 -1.66 -13.05 -11.54
C VAL A 116 -2.41 -12.12 -12.48
N GLY A 117 -1.70 -11.17 -13.06
CA GLY A 117 -2.25 -10.35 -14.11
C GLY A 117 -2.10 -8.87 -13.87
N SER A 118 -2.12 -8.09 -14.95
CA SER A 118 -1.91 -6.66 -14.90
C SER A 118 -3.25 -5.92 -14.92
N LEU A 119 -3.16 -4.61 -14.74
CA LEU A 119 -4.36 -3.79 -14.88
C LEU A 119 -4.95 -3.92 -16.28
N ALA A 120 -4.10 -3.91 -17.31
CA ALA A 120 -4.63 -4.03 -18.67
C ALA A 120 -5.40 -5.33 -18.83
N GLN A 121 -4.90 -6.41 -18.25
CA GLN A 121 -5.59 -7.69 -18.39
C GLN A 121 -6.90 -7.70 -17.61
N ARG A 122 -6.92 -7.04 -16.45
N ARG A 122 -6.93 -7.05 -16.45
CA ARG A 122 -8.14 -6.94 -15.67
CA ARG A 122 -8.17 -6.98 -15.69
C ARG A 122 -9.21 -6.16 -16.42
C ARG A 122 -9.22 -6.16 -16.43
N LEU A 123 -8.82 -5.04 -17.03
CA LEU A 123 -9.78 -4.25 -17.79
C LEU A 123 -10.36 -5.05 -18.95
N ALA A 124 -9.53 -5.83 -19.65
CA ALA A 124 -10.04 -6.64 -20.74
C ALA A 124 -11.01 -7.70 -20.23
N ALA A 125 -10.70 -8.31 -19.08
CA ALA A 125 -11.61 -9.28 -18.50
C ALA A 125 -12.92 -8.62 -18.09
N CYS A 126 -12.86 -7.41 -17.56
CA CYS A 126 -14.07 -6.73 -17.13
C CYS A 126 -14.94 -6.32 -18.30
N ARG A 127 -14.34 -5.97 -19.44
CA ARG A 127 -15.11 -5.69 -20.64
C ARG A 127 -15.99 -6.88 -21.02
N GLU A 128 -15.49 -8.10 -20.81
N GLU A 128 -15.48 -8.11 -20.82
CA GLU A 128 -16.26 -9.28 -21.19
CA GLU A 128 -16.23 -9.30 -21.16
C GLU A 128 -17.31 -9.65 -20.15
C GLU A 128 -17.30 -9.64 -20.14
N GLN A 129 -17.09 -9.28 -18.88
CA GLN A 129 -18.06 -9.53 -17.82
C GLN A 129 -17.98 -8.39 -16.82
N PRO A 130 -18.65 -7.29 -17.10
CA PRO A 130 -18.47 -6.10 -16.28
C PRO A 130 -19.12 -6.22 -14.91
N TYR A 131 -18.55 -5.48 -13.96
CA TYR A 131 -19.23 -5.25 -12.70
C TYR A 131 -20.46 -4.38 -12.94
N LYS A 132 -21.36 -4.39 -11.97
CA LYS A 132 -22.59 -3.62 -12.05
C LYS A 132 -22.29 -2.13 -12.18
N GLY A 133 -22.89 -1.49 -13.19
CA GLY A 133 -22.73 -0.07 -13.38
C GLY A 133 -21.42 0.37 -13.97
N MET A 134 -20.66 -0.54 -14.58
CA MET A 134 -19.31 -0.22 -14.98
C MET A 134 -19.26 0.67 -16.22
N VAL A 135 -18.36 1.65 -16.15
CA VAL A 135 -18.06 2.57 -17.24
C VAL A 135 -16.55 2.57 -17.43
N PHE A 136 -16.12 2.54 -18.69
CA PHE A 136 -14.71 2.55 -19.04
C PHE A 136 -14.34 3.89 -19.65
N PHE A 137 -13.18 4.41 -19.29
CA PHE A 137 -12.73 5.71 -19.80
C PHE A 137 -11.55 5.51 -20.75
N MET B 1 8.23 -16.89 -7.24
CA MET B 1 8.85 -15.71 -6.53
C MET B 1 8.00 -14.48 -6.81
N LEU B 2 7.91 -13.59 -5.83
CA LEU B 2 7.13 -12.37 -5.99
C LEU B 2 7.96 -11.33 -6.75
N SER B 3 7.30 -10.59 -7.66
CA SER B 3 8.03 -9.71 -8.57
C SER B 3 7.75 -8.22 -8.33
N GLY B 4 6.87 -7.88 -7.41
CA GLY B 4 6.60 -6.50 -7.10
C GLY B 4 5.19 -6.33 -6.55
N LEU B 5 4.80 -5.08 -6.40
CA LEU B 5 3.44 -4.76 -5.99
C LEU B 5 2.54 -4.83 -7.21
N ASN B 6 1.47 -5.60 -7.12
CA ASN B 6 0.53 -5.74 -8.22
C ASN B 6 -0.53 -4.65 -8.17
N HIS B 7 -1.17 -4.46 -7.01
CA HIS B 7 -2.10 -3.37 -6.82
C HIS B 7 -2.23 -3.03 -5.35
N LEU B 8 -2.69 -1.80 -5.11
CA LEU B 8 -3.00 -1.28 -3.78
C LEU B 8 -4.49 -1.00 -3.79
N THR B 9 -5.23 -1.60 -2.86
CA THR B 9 -6.66 -1.36 -2.72
C THR B 9 -6.93 -0.63 -1.43
N LEU B 10 -7.63 0.51 -1.54
CA LEU B 10 -8.08 1.26 -0.38
C LEU B 10 -9.59 1.14 -0.25
N ALA B 11 -10.04 0.79 0.95
CA ALA B 11 -11.46 0.84 1.27
C ALA B 11 -11.88 2.28 1.49
N VAL B 12 -13.01 2.67 0.90
CA VAL B 12 -13.53 4.04 0.98
C VAL B 12 -14.98 3.99 1.42
N SER B 13 -15.38 5.03 2.13
CA SER B 13 -16.75 5.12 2.66
C SER B 13 -17.73 5.68 1.64
N GLN B 14 -17.24 6.52 0.73
CA GLN B 14 -18.03 7.17 -0.30
C GLN B 14 -17.18 7.27 -1.57
N LEU B 15 -17.70 6.77 -2.68
CA LEU B 15 -16.87 6.67 -3.88
C LEU B 15 -16.60 8.04 -4.49
N ALA B 16 -17.62 8.88 -4.61
CA ALA B 16 -17.43 10.14 -5.32
C ALA B 16 -16.37 11.05 -4.73
N PRO B 17 -16.36 11.34 -3.42
N PRO B 17 -16.34 11.33 -3.42
CA PRO B 17 -15.25 12.17 -2.90
CA PRO B 17 -15.25 12.15 -2.89
C PRO B 17 -13.89 11.53 -3.08
C PRO B 17 -13.88 11.49 -3.00
N SER B 18 -13.79 10.21 -3.03
N SER B 18 -13.82 10.16 -3.01
CA SER B 18 -12.48 9.56 -3.18
CA SER B 18 -12.53 9.51 -3.17
C SER B 18 -12.00 9.62 -4.61
C SER B 18 -12.01 9.62 -4.60
N VAL B 19 -12.90 9.40 -5.59
CA VAL B 19 -12.50 9.58 -6.98
C VAL B 19 -12.06 11.02 -7.22
N ALA B 20 -12.80 12.00 -6.69
CA ALA B 20 -12.40 13.39 -6.87
C ALA B 20 -11.02 13.64 -6.31
N PHE B 21 -10.73 13.08 -5.14
CA PHE B 21 -9.43 13.29 -4.52
C PHE B 21 -8.30 12.69 -5.35
N TYR B 22 -8.42 11.41 -5.70
CA TYR B 22 -7.32 10.73 -6.39
C TYR B 22 -7.21 11.17 -7.84
N GLN B 23 -8.33 11.36 -8.54
CA GLN B 23 -8.25 11.74 -9.94
C GLN B 23 -7.98 13.23 -10.10
N GLN B 24 -8.81 14.08 -9.48
CA GLN B 24 -8.76 15.50 -9.79
C GLN B 24 -7.69 16.21 -8.97
N LEU B 25 -7.64 15.96 -7.67
CA LEU B 25 -6.66 16.66 -6.85
C LEU B 25 -5.26 16.10 -7.05
N LEU B 26 -5.10 14.77 -6.98
N LEU B 26 -5.11 14.77 -6.99
CA LEU B 26 -3.78 14.15 -7.11
CA LEU B 26 -3.80 14.15 -7.11
C LEU B 26 -3.38 13.83 -8.55
C LEU B 26 -3.38 13.88 -8.55
N GLY B 27 -4.30 13.92 -9.51
CA GLY B 27 -3.93 13.78 -10.90
C GLY B 27 -3.76 12.37 -11.42
N MET B 28 -4.31 11.38 -10.74
CA MET B 28 -4.20 10.01 -11.21
C MET B 28 -5.18 9.78 -12.35
N THR B 29 -4.89 8.77 -13.16
CA THR B 29 -5.71 8.46 -14.33
C THR B 29 -6.82 7.51 -13.92
N LEU B 30 -8.07 7.86 -14.23
CA LEU B 30 -9.21 7.01 -13.96
C LEU B 30 -9.48 6.12 -15.19
N HIS B 31 -9.41 4.81 -14.99
CA HIS B 31 -9.64 3.88 -16.09
C HIS B 31 -11.04 3.32 -16.14
N ALA B 32 -11.65 3.08 -14.99
CA ALA B 32 -12.98 2.50 -14.94
C ALA B 32 -13.59 2.78 -13.59
N ARG B 33 -14.92 2.84 -13.55
CA ARG B 33 -15.64 2.93 -12.29
C ARG B 33 -16.90 2.09 -12.42
N TRP B 34 -17.37 1.59 -11.29
CA TRP B 34 -18.61 0.81 -11.22
C TRP B 34 -19.31 1.19 -9.92
N ASP B 35 -20.42 0.53 -9.63
CA ASP B 35 -21.23 0.99 -8.51
C ASP B 35 -20.50 0.89 -7.17
N SER B 36 -19.48 0.02 -7.07
CA SER B 36 -18.80 -0.16 -5.79
C SER B 36 -17.28 -0.06 -5.90
N GLY B 37 -16.75 0.59 -6.93
CA GLY B 37 -15.31 0.76 -6.97
C GLY B 37 -14.83 1.55 -8.17
N ALA B 38 -13.51 1.69 -8.23
CA ALA B 38 -12.86 2.37 -9.33
C ALA B 38 -11.43 1.86 -9.47
N TYR B 39 -10.93 1.89 -10.69
CA TYR B 39 -9.54 1.57 -11.00
C TYR B 39 -8.84 2.82 -11.51
N LEU B 40 -7.71 3.15 -10.89
CA LEU B 40 -6.90 4.28 -11.29
C LEU B 40 -5.47 3.81 -11.46
N SER B 41 -4.67 4.60 -12.18
CA SER B 41 -3.24 4.36 -12.24
C SER B 41 -2.46 5.64 -11.97
N CYS B 42 -1.25 5.45 -11.44
CA CYS B 42 -0.33 6.53 -11.14
C CYS B 42 1.03 5.98 -11.54
N GLY B 43 1.52 6.35 -12.71
CA GLY B 43 2.70 5.65 -13.19
C GLY B 43 2.39 4.17 -13.34
N ASP B 44 3.27 3.34 -12.77
N ASP B 44 3.26 3.32 -12.78
CA ASP B 44 3.09 1.88 -12.78
CA ASP B 44 3.04 1.88 -12.81
C ASP B 44 2.11 1.40 -11.72
C ASP B 44 2.20 1.38 -11.64
N LEU B 45 1.72 2.26 -10.78
CA LEU B 45 0.85 1.85 -9.68
C LEU B 45 -0.58 1.65 -10.16
N TRP B 46 -1.13 0.48 -9.86
CA TRP B 46 -2.56 0.21 -10.03
C TRP B 46 -3.22 0.41 -8.67
N LEU B 47 -4.10 1.40 -8.59
CA LEU B 47 -4.83 1.73 -7.38
C LEU B 47 -6.29 1.33 -7.57
N CYS B 48 -6.84 0.59 -6.62
N CYS B 48 -6.83 0.59 -6.61
CA CYS B 48 -8.25 0.27 -6.61
CA CYS B 48 -8.24 0.26 -6.57
C CYS B 48 -8.92 0.92 -5.41
C CYS B 48 -8.88 0.99 -5.40
N LEU B 49 -10.02 1.62 -5.65
CA LEU B 49 -10.88 2.14 -4.61
C LEU B 49 -12.07 1.19 -4.49
N SER B 50 -12.33 0.72 -3.29
CA SER B 50 -13.38 -0.26 -3.05
C SER B 50 -14.33 0.30 -2.02
N LEU B 51 -15.59 0.46 -2.42
CA LEU B 51 -16.61 0.97 -1.50
C LEU B 51 -16.86 -0.09 -0.45
N ASP B 52 -16.77 0.31 0.81
CA ASP B 52 -16.83 -0.65 1.91
C ASP B 52 -17.67 -0.09 3.04
N PRO B 53 -18.83 -0.68 3.33
N PRO B 53 -18.84 -0.65 3.30
CA PRO B 53 -19.64 -0.19 4.45
CA PRO B 53 -19.65 -0.18 4.44
C PRO B 53 -18.94 -0.29 5.80
C PRO B 53 -18.94 -0.28 5.78
N GLN B 54 -17.86 -1.08 5.87
CA GLN B 54 -17.07 -1.18 7.10
C GLN B 54 -16.06 -0.05 7.28
N ARG B 55 -15.78 0.73 6.25
CA ARG B 55 -14.80 1.79 6.38
C ARG B 55 -15.39 2.97 7.14
N ARG B 56 -14.69 3.40 8.18
CA ARG B 56 -14.99 4.63 8.89
C ARG B 56 -14.01 5.73 8.51
N VAL B 57 -14.47 6.98 8.53
CA VAL B 57 -13.57 8.12 8.42
C VAL B 57 -12.76 8.16 9.73
N THR B 58 -11.46 7.90 9.63
CA THR B 58 -10.67 7.60 10.82
C THR B 58 -9.71 8.74 11.13
N PRO B 59 -9.81 9.38 12.29
N PRO B 59 -9.77 9.35 12.32
CA PRO B 59 -8.84 10.42 12.62
CA PRO B 59 -8.84 10.43 12.63
C PRO B 59 -7.44 9.84 12.73
C PRO B 59 -7.44 9.88 12.84
N PRO B 60 -6.41 10.66 12.51
CA PRO B 60 -5.04 10.11 12.52
C PRO B 60 -4.56 9.60 13.87
N GLU B 61 -5.10 10.12 14.97
CA GLU B 61 -4.73 9.63 16.28
C GLU B 61 -5.24 8.20 16.52
N GLU B 62 -6.25 7.77 15.77
CA GLU B 62 -6.90 6.49 16.01
C GLU B 62 -6.43 5.40 15.06
N SER B 63 -5.50 5.71 14.17
CA SER B 63 -4.94 4.71 13.28
C SER B 63 -3.44 4.62 13.52
N ASP B 64 -2.88 3.48 13.12
CA ASP B 64 -1.45 3.24 13.30
C ASP B 64 -0.64 3.88 12.19
N TYR B 65 0.66 3.60 12.16
N TYR B 65 0.66 3.62 12.16
CA TYR B 65 1.62 4.25 11.28
CA TYR B 65 1.58 4.30 11.25
C TYR B 65 1.61 3.72 9.85
C TYR B 65 1.58 3.75 9.84
N THR B 66 0.78 2.72 9.53
CA THR B 66 0.72 2.21 8.16
C THR B 66 0.40 3.36 7.21
N HIS B 67 1.18 3.48 6.13
CA HIS B 67 0.98 4.59 5.22
C HIS B 67 1.57 4.29 3.85
N TYR B 68 1.18 5.11 2.87
CA TYR B 68 1.48 4.87 1.46
C TYR B 68 2.13 6.14 0.92
N ALA B 69 3.32 6.00 0.37
CA ALA B 69 4.07 7.16 -0.11
C ALA B 69 4.15 7.12 -1.62
N PHE B 70 3.92 8.29 -2.23
CA PHE B 70 4.00 8.48 -3.66
C PHE B 70 5.27 9.22 -4.04
N SER B 71 5.83 8.85 -5.18
CA SER B 71 7.04 9.47 -5.70
C SER B 71 6.74 10.79 -6.40
N ILE B 72 7.63 11.75 -6.19
CA ILE B 72 7.56 13.06 -6.83
C ILE B 72 8.98 13.60 -6.92
N SER B 73 9.22 14.45 -7.91
CA SER B 73 10.54 15.06 -8.04
C SER B 73 10.68 16.21 -7.05
N GLU B 74 11.94 16.53 -6.71
CA GLU B 74 12.15 17.65 -5.81
C GLU B 74 11.60 18.94 -6.42
N ALA B 75 11.73 19.09 -7.74
CA ALA B 75 11.32 20.35 -8.35
C ALA B 75 9.82 20.57 -8.23
N ASP B 76 9.04 19.49 -8.20
CA ASP B 76 7.59 19.60 -8.16
C ASP B 76 7.04 19.54 -6.74
N PHE B 77 7.87 19.19 -5.75
CA PHE B 77 7.39 18.90 -4.40
C PHE B 77 6.67 20.09 -3.78
N ALA B 78 7.30 21.27 -3.78
CA ALA B 78 6.73 22.39 -3.03
C ALA B 78 5.40 22.85 -3.64
N SER B 79 5.31 22.92 -4.97
N SER B 79 5.32 22.92 -4.97
CA SER B 79 4.05 23.35 -5.58
CA SER B 79 4.07 23.33 -5.62
C SER B 79 2.94 22.34 -5.36
C SER B 79 2.96 22.34 -5.34
N PHE B 80 3.27 21.04 -5.33
CA PHE B 80 2.24 20.03 -5.09
C PHE B 80 1.74 20.11 -3.66
N ALA B 81 2.65 20.27 -2.69
CA ALA B 81 2.23 20.42 -1.31
C ALA B 81 1.36 21.67 -1.12
N ALA B 82 1.71 22.76 -1.81
CA ALA B 82 0.92 23.98 -1.72
C ALA B 82 -0.46 23.81 -2.31
N ARG B 83 -0.59 22.98 -3.35
CA ARG B 83 -1.89 22.68 -3.92
C ARG B 83 -2.74 21.95 -2.89
N LEU B 84 -2.14 20.98 -2.20
CA LEU B 84 -2.87 20.26 -1.17
C LEU B 84 -3.29 21.19 -0.04
N GLU B 85 -2.41 22.12 0.34
N GLU B 85 -2.40 22.11 0.35
CA GLU B 85 -2.74 23.05 1.41
CA GLU B 85 -2.73 23.07 1.41
C GLU B 85 -3.89 23.97 1.01
C GLU B 85 -3.91 23.93 0.99
N ALA B 86 -3.91 24.40 -0.26
CA ALA B 86 -4.99 25.27 -0.71
C ALA B 86 -6.33 24.54 -0.68
N ALA B 87 -6.32 23.26 -1.01
CA ALA B 87 -7.54 22.45 -1.02
C ALA B 87 -7.97 22.03 0.38
N GLY B 88 -7.22 22.39 1.41
CA GLY B 88 -7.64 22.07 2.76
C GLY B 88 -7.31 20.68 3.23
N VAL B 89 -6.34 20.03 2.62
CA VAL B 89 -6.00 18.66 2.97
C VAL B 89 -5.21 18.65 4.26
N ALA B 90 -5.60 17.80 5.20
CA ALA B 90 -4.99 17.79 6.52
C ALA B 90 -3.64 17.09 6.51
N VAL B 91 -2.75 17.57 7.37
CA VAL B 91 -1.41 17.02 7.56
C VAL B 91 -1.45 16.22 8.85
N TRP B 92 -0.83 15.03 8.86
CA TRP B 92 -0.86 14.17 10.02
C TRP B 92 0.49 14.04 10.72
N LYS B 93 1.54 14.59 10.14
CA LYS B 93 2.87 14.49 10.72
C LYS B 93 3.72 15.57 10.08
N LEU B 94 4.64 16.14 10.88
CA LEU B 94 5.67 17.00 10.35
C LEU B 94 6.91 16.18 10.03
N ASN B 95 7.54 16.52 8.92
CA ASN B 95 8.81 15.90 8.55
C ASN B 95 9.89 16.40 9.49
N ARG B 96 10.51 15.49 10.23
CA ARG B 96 11.56 15.84 11.17
C ARG B 96 12.89 15.27 10.74
N SER B 97 12.95 14.72 9.54
CA SER B 97 14.13 14.11 8.98
C SER B 97 14.68 14.99 7.87
N GLU B 98 15.93 14.71 7.50
CA GLU B 98 16.46 15.20 6.24
C GLU B 98 15.71 14.51 5.11
N GLY B 99 15.63 15.19 3.98
CA GLY B 99 14.88 14.68 2.85
C GLY B 99 13.44 15.16 2.87
N ALA B 100 12.83 15.15 1.70
CA ALA B 100 11.57 15.84 1.48
C ALA B 100 10.43 14.85 1.61
N SER B 101 9.58 15.08 2.61
CA SER B 101 8.35 14.33 2.80
C SER B 101 7.24 15.27 3.25
N HIS B 102 6.05 15.02 2.74
CA HIS B 102 4.83 15.72 3.13
C HIS B 102 3.81 14.65 3.48
N TYR B 103 3.21 14.75 4.66
CA TYR B 103 2.35 13.72 5.20
C TYR B 103 0.92 14.22 5.25
N PHE B 104 0.04 13.61 4.45
CA PHE B 104 -1.31 14.15 4.29
C PHE B 104 -2.32 13.01 4.33
N LEU B 105 -3.58 13.37 4.59
CA LEU B 105 -4.67 12.41 4.75
C LEU B 105 -5.61 12.42 3.57
N ASP B 106 -6.12 11.24 3.23
CA ASP B 106 -7.19 11.16 2.24
C ASP B 106 -8.55 11.33 2.93
N PRO B 107 -9.64 11.37 2.17
CA PRO B 107 -10.95 11.70 2.77
C PRO B 107 -11.42 10.72 3.82
N ASP B 108 -10.92 9.49 3.80
CA ASP B 108 -11.29 8.48 4.77
C ASP B 108 -10.25 8.32 5.86
N GLY B 109 -9.21 9.14 5.86
CA GLY B 109 -8.18 9.03 6.86
C GLY B 109 -7.05 8.08 6.52
N HIS B 110 -6.98 7.59 5.28
CA HIS B 110 -5.80 6.83 4.92
C HIS B 110 -4.61 7.77 4.96
N LYS B 111 -3.50 7.29 5.51
CA LYS B 111 -2.30 8.09 5.67
C LYS B 111 -1.43 8.00 4.43
N LEU B 112 -1.20 9.15 3.80
CA LEU B 112 -0.44 9.27 2.58
C LEU B 112 0.80 10.11 2.80
N GLU B 113 1.73 10.03 1.83
CA GLU B 113 2.98 10.77 1.90
C GLU B 113 3.44 11.09 0.49
N LEU B 114 3.98 12.29 0.30
CA LEU B 114 4.80 12.59 -0.86
C LEU B 114 6.24 12.45 -0.42
N HIS B 115 7.05 11.71 -1.16
CA HIS B 115 8.45 11.56 -0.81
C HIS B 115 9.33 11.68 -2.04
N VAL B 116 10.45 12.39 -1.88
CA VAL B 116 11.50 12.47 -2.89
C VAL B 116 12.64 11.56 -2.47
N GLY B 117 13.01 10.63 -3.34
CA GLY B 117 14.20 9.83 -3.11
C GLY B 117 13.91 8.34 -3.07
N SER B 118 14.95 7.56 -3.30
CA SER B 118 14.84 6.13 -3.49
C SER B 118 15.30 5.38 -2.25
N LEU B 119 15.08 4.07 -2.28
CA LEU B 119 15.64 3.20 -1.24
C LEU B 119 17.16 3.31 -1.20
N ALA B 120 17.81 3.28 -2.36
CA ALA B 120 19.27 3.35 -2.38
C ALA B 120 19.76 4.61 -1.69
N GLN B 121 19.07 5.74 -1.90
N GLN B 121 19.07 5.74 -1.90
CA GLN B 121 19.47 6.98 -1.25
CA GLN B 121 19.48 6.99 -1.25
C GLN B 121 19.30 6.88 0.27
C GLN B 121 19.31 6.88 0.26
N ARG B 122 18.20 6.29 0.71
CA ARG B 122 17.96 6.16 2.14
C ARG B 122 19.02 5.26 2.78
N LEU B 123 19.37 4.17 2.10
CA LEU B 123 20.37 3.27 2.67
C LEU B 123 21.71 3.97 2.80
N ALA B 124 22.07 4.80 1.81
CA ALA B 124 23.36 5.49 1.86
C ALA B 124 23.40 6.50 3.00
N ALA B 125 22.29 7.21 3.22
CA ALA B 125 22.21 8.14 4.35
C ALA B 125 22.28 7.40 5.68
N CYS B 126 21.66 6.22 5.75
CA CYS B 126 21.68 5.45 7.00
C CYS B 126 23.06 4.86 7.28
N ARG B 127 23.81 4.52 6.24
CA ARG B 127 25.16 4.02 6.45
C ARG B 127 26.03 5.10 7.08
N GLU B 128 25.76 6.36 6.74
N GLU B 128 25.77 6.37 6.75
CA GLU B 128 26.52 7.47 7.31
CA GLU B 128 26.52 7.47 7.32
C GLU B 128 26.09 7.78 8.74
C GLU B 128 26.09 7.76 8.76
N GLN B 129 24.79 7.64 9.05
CA GLN B 129 24.26 7.94 10.37
C GLN B 129 23.21 6.89 10.69
N PRO B 130 23.64 5.72 11.18
CA PRO B 130 22.68 4.62 11.35
C PRO B 130 21.73 4.85 12.50
N TYR B 131 20.53 4.28 12.36
CA TYR B 131 19.60 4.22 13.45
C TYR B 131 20.15 3.29 14.54
N LYS B 132 19.58 3.42 15.74
CA LYS B 132 19.99 2.58 16.86
C LYS B 132 19.76 1.11 16.53
N GLY B 133 20.79 0.30 16.71
CA GLY B 133 20.71 -1.12 16.46
C GLY B 133 20.74 -1.52 15.01
N MET B 134 21.20 -0.67 14.12
CA MET B 134 21.05 -0.97 12.71
C MET B 134 22.14 -1.91 12.19
N VAL B 135 21.69 -2.90 11.44
CA VAL B 135 22.54 -3.88 10.78
C VAL B 135 22.13 -3.90 9.32
N PHE B 136 23.12 -3.99 8.44
CA PHE B 136 22.92 -4.04 7.01
C PHE B 136 23.19 -5.46 6.51
N PHE B 137 22.50 -5.83 5.44
CA PHE B 137 22.64 -7.16 4.85
C PHE B 137 23.00 -6.97 3.37
C4 TJ1 C . 9.01 5.20 6.68
N1 TJ1 C . 11.18 4.95 7.25
O1 TJ1 C . 8.01 5.26 5.98
N TJ1 C . 9.16 5.38 8.01
O TJ1 C . 10.24 4.94 6.19
C3 TJ1 C . 10.48 5.22 8.30
C1 TJ1 C . 10.93 5.36 9.72
C2 TJ1 C . 12.44 5.31 9.86
C TJ1 C . 10.24 4.32 10.59
H1 TJ1 C . 8.49 5.56 8.55
H2 TJ1 C . 10.63 6.25 10.03
H3 TJ1 C . 12.88 5.38 8.98
H4 TJ1 C . 12.74 4.48 10.27
H5 TJ1 C . 12.77 6.06 10.41
H6 TJ1 C . 9.31 4.21 10.35
H7 TJ1 C . 10.28 4.58 11.53
H8 TJ1 C . 10.68 3.45 10.50
MN MN D . -6.96 -7.30 -4.73
MN MN E . 7.10 6.97 4.76
#